data_3IJ7
#
_entry.id   3IJ7
#
_cell.length_a   52.140
_cell.length_b   67.820
_cell.length_c   129.920
_cell.angle_alpha   90.00
_cell.angle_beta   90.00
_cell.angle_gamma   90.00
#
_symmetry.space_group_name_H-M   'P 21 21 21'
#
loop_
_entity.id
_entity.type
_entity.pdbx_description
1 polymer 'Pancreatic alpha-amylase'
2 branched 4-O-methyl-alpha-D-glucopyranose-(1-4)-beta-D-glucopyranose-(1-2)-5-fluoro-alpha-L-idopyranose
3 branched '4-O-methyl-alpha-D-glucopyranose-(1-4)-alpha-D-glucopyranosyl fluoride'
4 non-polymer 'CALCIUM ION'
5 non-polymer 'CHLORIDE ION'
6 water water
#
_entity_poly.entity_id   1
_entity_poly.type   'polypeptide(L)'
_entity_poly.pdbx_seq_one_letter_code
;(PCA)YSPNTQQGRTSIVHLFEWRWVDIALECERYLAPKGFGGVQVSPPNENVAIYNPFRPWWERYQPVSYKLCTRSGNE
DEFRNMVTRCNNVGVRIYVDAVINHMCGNAVSAGTSSTCGSYFNPGSRDFPAVPYSGWDFNDGKCKTGSGDIENYNDATQ
VRDCRLTGLLDLALEKDYVRSKIAEYMNHLIDIGVAGFRLDASKHMWPGDIKAILDKLHNLNSNWFPAGSKPFIYQEVID
LGGEPIKSSDYFGNGRVTEFKYGAKLGTVIRKWNGEKMSYLKNWGEGWGFVPSDRALVFVDNHDNQRGHGAGGASILTFW
DARLYKMAVGFMLAHPYGFTRVMSSYRWPRQFQNGNDVNDWVGPPNNNGVIKEVTINPDTTCGNDWVCEHRWRQIRNMVI
FRNVVDGQPFTNWYDNGSNQVAFGRGNRGFIVFNNDDWSFSLTLQTGLPAGTYCDVISGDKINGNCTGIKIYVSDDGKAH
FSISNSAEDPFIAIHAESKL
;
_entity_poly.pdbx_strand_id   A
#
# COMPACT_ATOMS: atom_id res chain seq x y z
N TYR A 2 6.41 15.41 -1.45
CA TYR A 2 5.53 14.83 -0.45
C TYR A 2 4.11 14.70 -0.99
N SER A 3 3.89 15.25 -2.18
CA SER A 3 2.59 15.20 -2.82
C SER A 3 2.48 13.98 -3.73
N PRO A 4 1.36 13.24 -3.63
CA PRO A 4 1.09 12.04 -4.41
C PRO A 4 1.05 12.27 -5.93
N ASN A 5 0.80 13.51 -6.33
CA ASN A 5 0.74 13.84 -7.75
C ASN A 5 -0.49 13.24 -8.42
N THR A 6 -1.51 12.93 -7.64
CA THR A 6 -2.75 12.39 -8.19
C THR A 6 -3.61 13.53 -8.74
N GLN A 7 -4.63 13.19 -9.51
CA GLN A 7 -5.51 14.22 -10.03
C GLN A 7 -6.31 14.81 -8.88
N GLN A 8 -6.61 16.10 -8.91
CA GLN A 8 -7.40 16.69 -7.84
C GLN A 8 -8.70 15.92 -7.68
N GLY A 9 -9.02 15.53 -6.46
CA GLY A 9 -10.25 14.78 -6.26
C GLY A 9 -10.03 13.29 -6.04
N ARG A 10 -8.84 12.80 -6.38
CA ARG A 10 -8.49 11.39 -6.19
C ARG A 10 -7.52 11.29 -5.00
N THR A 11 -7.94 10.61 -3.94
CA THR A 11 -7.17 10.60 -2.70
C THR A 11 -6.59 9.26 -2.30
N SER A 12 -6.62 8.23 -3.15
CA SER A 12 -6.06 6.96 -2.71
C SER A 12 -5.33 6.25 -3.82
N ILE A 13 -4.45 5.34 -3.43
CA ILE A 13 -3.74 4.50 -4.37
C ILE A 13 -4.00 3.05 -4.00
N VAL A 14 -3.93 2.14 -4.97
CA VAL A 14 -4.17 0.74 -4.68
C VAL A 14 -2.97 -0.11 -5.09
N HIS A 15 -2.64 -1.08 -4.26
CA HIS A 15 -1.53 -1.98 -4.57
C HIS A 15 -2.03 -3.20 -5.33
N LEU A 16 -1.87 -3.18 -6.66
CA LEU A 16 -2.24 -4.32 -7.48
C LEU A 16 -1.07 -5.29 -7.49
N PHE A 17 -0.92 -5.94 -6.34
CA PHE A 17 0.14 -6.89 -6.01
C PHE A 17 0.26 -8.03 -7.02
N GLU A 18 1.41 -8.08 -7.69
CA GLU A 18 1.77 -9.12 -8.66
C GLU A 18 0.90 -9.10 -9.92
N TRP A 19 0.20 -8.00 -10.16
CA TRP A 19 -0.63 -7.92 -11.36
C TRP A 19 0.25 -7.69 -12.59
N ARG A 20 -0.17 -8.24 -13.73
CA ARG A 20 0.57 -8.04 -14.98
C ARG A 20 0.28 -6.66 -15.53
N TRP A 21 1.22 -6.09 -16.29
CA TRP A 21 1.04 -4.75 -16.83
C TRP A 21 -0.21 -4.64 -17.69
N VAL A 22 -0.45 -5.61 -18.56
CA VAL A 22 -1.62 -5.53 -19.43
C VAL A 22 -2.92 -5.53 -18.62
N ASP A 23 -2.93 -6.24 -17.50
CA ASP A 23 -4.12 -6.30 -16.66
C ASP A 23 -4.36 -4.97 -15.94
N ILE A 24 -3.28 -4.33 -15.50
CA ILE A 24 -3.40 -3.04 -14.82
C ILE A 24 -3.87 -1.95 -15.77
N ALA A 25 -3.36 -1.98 -17.00
CA ALA A 25 -3.76 -0.99 -17.99
C ALA A 25 -5.26 -1.05 -18.22
N LEU A 26 -5.80 -2.25 -18.34
CA LEU A 26 -7.23 -2.45 -18.54
C LEU A 26 -8.01 -2.00 -17.31
N GLU A 27 -7.51 -2.36 -16.13
CA GLU A 27 -8.17 -1.99 -14.90
C GLU A 27 -8.24 -0.48 -14.75
N CYS A 28 -7.20 0.21 -15.20
CA CYS A 28 -7.16 1.67 -15.15
C CYS A 28 -8.31 2.27 -15.94
N GLU A 29 -8.50 1.75 -17.15
CA GLU A 29 -9.52 2.26 -18.05
C GLU A 29 -10.93 1.80 -17.68
N ARG A 30 -11.09 0.52 -17.40
CA ARG A 30 -12.41 -0.03 -17.11
C ARG A 30 -12.89 0.17 -15.68
N TYR A 31 -12.01 0.44 -14.71
CA TYR A 31 -12.51 0.55 -13.34
C TYR A 31 -11.90 1.69 -12.52
N LEU A 32 -10.57 1.69 -12.41
CA LEU A 32 -9.87 2.69 -11.60
C LEU A 32 -10.24 4.12 -11.98
N ALA A 33 -10.25 4.44 -13.26
CA ALA A 33 -10.59 5.79 -13.68
C ALA A 33 -12.04 6.15 -13.33
N PRO A 34 -13.00 5.33 -13.77
CA PRO A 34 -14.40 5.65 -13.46
C PRO A 34 -14.72 5.71 -11.96
N LYS A 35 -14.03 4.88 -11.17
CA LYS A 35 -14.27 4.78 -9.73
C LYS A 35 -13.50 5.82 -8.91
N GLY A 36 -12.74 6.69 -9.58
CA GLY A 36 -12.01 7.72 -8.86
C GLY A 36 -10.75 7.35 -8.09
N PHE A 37 -10.12 6.25 -8.43
CA PHE A 37 -8.87 5.85 -7.76
C PHE A 37 -7.72 6.75 -8.21
N GLY A 38 -6.87 7.14 -7.27
CA GLY A 38 -5.76 8.02 -7.58
C GLY A 38 -4.59 7.42 -8.32
N GLY A 39 -4.23 6.19 -7.98
CA GLY A 39 -3.09 5.57 -8.63
C GLY A 39 -2.91 4.11 -8.25
N VAL A 40 -1.86 3.52 -8.80
CA VAL A 40 -1.57 2.12 -8.58
C VAL A 40 -0.12 1.88 -8.20
N GLN A 41 0.09 1.13 -7.12
CA GLN A 41 1.44 0.75 -6.75
C GLN A 41 1.70 -0.59 -7.42
N VAL A 42 2.70 -0.66 -8.30
CA VAL A 42 2.98 -1.90 -8.99
C VAL A 42 4.14 -2.64 -8.36
N SER A 43 4.20 -3.95 -8.60
CA SER A 43 5.30 -4.76 -8.11
C SER A 43 6.57 -4.35 -8.84
N PRO A 44 7.75 -4.66 -8.28
CA PRO A 44 9.02 -4.28 -8.94
C PRO A 44 9.04 -4.62 -10.44
N PRO A 45 9.24 -3.61 -11.29
CA PRO A 45 9.27 -3.82 -12.74
C PRO A 45 10.63 -4.25 -13.32
N ASN A 46 11.65 -4.31 -12.46
CA ASN A 46 13.00 -4.68 -12.88
C ASN A 46 13.24 -6.19 -12.76
N GLU A 47 14.09 -6.70 -13.64
CA GLU A 47 14.45 -8.12 -13.69
C GLU A 47 14.83 -8.64 -12.31
N ASN A 48 14.34 -9.82 -11.97
CA ASN A 48 14.63 -10.43 -10.67
C ASN A 48 15.06 -11.89 -10.82
N VAL A 49 15.52 -12.49 -9.73
CA VAL A 49 15.92 -13.87 -9.76
C VAL A 49 14.70 -14.77 -9.88
N ALA A 50 14.80 -15.78 -10.74
CA ALA A 50 13.74 -16.76 -10.90
C ALA A 50 14.03 -17.92 -9.95
N ILE A 51 13.23 -18.02 -8.88
CA ILE A 51 13.43 -19.06 -7.87
C ILE A 51 12.47 -20.21 -8.07
N TYR A 52 13.02 -21.42 -8.17
CA TYR A 52 12.20 -22.61 -8.39
C TYR A 52 12.05 -23.45 -7.11
N ASN A 53 12.75 -23.04 -6.06
CA ASN A 53 12.66 -23.72 -4.78
C ASN A 53 12.60 -22.70 -3.64
N PRO A 54 11.38 -22.37 -3.18
CA PRO A 54 10.08 -22.89 -3.64
C PRO A 54 9.73 -22.42 -5.05
N PHE A 55 8.59 -22.85 -5.56
CA PHE A 55 8.19 -22.51 -6.93
C PHE A 55 7.68 -21.08 -7.09
N ARG A 56 8.49 -20.26 -7.75
CA ARG A 56 8.20 -18.87 -8.06
C ARG A 56 7.48 -18.13 -6.92
N PRO A 57 8.16 -17.96 -5.78
CA PRO A 57 7.56 -17.27 -4.64
C PRO A 57 7.38 -15.79 -4.97
N TRP A 58 6.45 -15.13 -4.30
CA TRP A 58 6.23 -13.71 -4.55
C TRP A 58 7.48 -12.89 -4.23
N TRP A 59 8.21 -13.28 -3.18
CA TRP A 59 9.38 -12.53 -2.76
C TRP A 59 10.57 -12.64 -3.70
N GLU A 60 10.49 -13.47 -4.75
CA GLU A 60 11.62 -13.52 -5.67
C GLU A 60 11.78 -12.17 -6.38
N ARG A 61 10.69 -11.41 -6.44
CA ARG A 61 10.69 -10.11 -7.10
C ARG A 61 11.45 -9.05 -6.30
N TYR A 62 11.89 -9.39 -5.10
CA TYR A 62 12.63 -8.44 -4.29
C TYR A 62 14.11 -8.81 -4.25
N GLN A 63 14.52 -9.59 -5.24
CA GLN A 63 15.91 -9.99 -5.42
C GLN A 63 16.35 -9.61 -6.82
N PRO A 64 16.68 -8.32 -7.02
CA PRO A 64 17.12 -7.79 -8.31
C PRO A 64 18.32 -8.46 -8.97
N VAL A 65 18.26 -8.53 -10.30
CA VAL A 65 19.33 -9.08 -11.11
C VAL A 65 19.88 -7.99 -12.04
N SER A 66 18.98 -7.12 -12.48
CA SER A 66 19.32 -5.99 -13.34
C SER A 66 18.22 -4.94 -13.31
N TYR A 67 18.37 -3.87 -14.08
CA TYR A 67 17.34 -2.84 -14.10
C TYR A 67 16.56 -2.86 -15.40
N LYS A 68 16.64 -3.99 -16.09
CA LYS A 68 15.87 -4.18 -17.31
C LYS A 68 14.39 -4.35 -16.94
N LEU A 69 13.50 -3.66 -17.63
CA LEU A 69 12.07 -3.77 -17.33
C LEU A 69 11.52 -5.05 -17.91
N CYS A 70 11.92 -6.16 -17.31
CA CYS A 70 11.57 -7.49 -17.78
C CYS A 70 11.25 -8.43 -16.62
N THR A 71 9.96 -8.69 -16.42
CA THR A 71 9.50 -9.52 -15.32
C THR A 71 8.30 -10.37 -15.70
N ARG A 72 7.79 -11.12 -14.74
CA ARG A 72 6.61 -11.95 -14.95
C ARG A 72 5.39 -11.08 -15.20
N SER A 73 5.50 -9.79 -14.90
CA SER A 73 4.39 -8.87 -15.12
C SER A 73 4.39 -8.35 -16.56
N GLY A 74 5.52 -8.51 -17.24
CA GLY A 74 5.64 -8.07 -18.62
C GLY A 74 6.99 -7.47 -18.97
N ASN A 75 7.12 -7.02 -20.23
CA ASN A 75 8.36 -6.41 -20.70
C ASN A 75 8.26 -4.89 -20.71
N GLU A 76 9.29 -4.21 -21.18
CA GLU A 76 9.27 -2.74 -21.20
C GLU A 76 8.14 -2.20 -22.06
N ASP A 77 7.89 -2.85 -23.19
CA ASP A 77 6.82 -2.41 -24.08
C ASP A 77 5.48 -2.44 -23.36
N GLU A 78 5.21 -3.52 -22.65
CA GLU A 78 3.95 -3.66 -21.93
C GLU A 78 3.88 -2.67 -20.75
N PHE A 79 5.02 -2.40 -20.11
CA PHE A 79 5.05 -1.46 -18.99
C PHE A 79 4.73 -0.04 -19.45
N ARG A 80 5.36 0.38 -20.56
CA ARG A 80 5.12 1.70 -21.10
C ARG A 80 3.67 1.85 -21.52
N ASN A 81 3.15 0.80 -22.16
CA ASN A 81 1.77 0.76 -22.60
C ASN A 81 0.83 1.03 -21.42
N MET A 82 1.12 0.35 -20.31
CA MET A 82 0.32 0.50 -19.10
C MET A 82 0.41 1.91 -18.53
N VAL A 83 1.63 2.42 -18.35
CA VAL A 83 1.82 3.75 -17.79
C VAL A 83 1.10 4.81 -18.63
N THR A 84 1.23 4.70 -19.95
CA THR A 84 0.62 5.64 -20.87
C THR A 84 -0.91 5.58 -20.81
N ARG A 85 -1.47 4.36 -20.87
CA ARG A 85 -2.91 4.20 -20.83
C ARG A 85 -3.50 4.66 -19.50
N CYS A 86 -2.81 4.36 -18.41
CA CYS A 86 -3.30 4.77 -17.10
C CYS A 86 -3.23 6.30 -16.96
N ASN A 87 -2.10 6.88 -17.33
CA ASN A 87 -1.93 8.33 -17.28
C ASN A 87 -2.96 9.04 -18.15
N ASN A 88 -3.25 8.46 -19.31
CA ASN A 88 -4.20 9.05 -20.24
C ASN A 88 -5.61 9.05 -19.65
N VAL A 89 -5.81 8.26 -18.60
CA VAL A 89 -7.12 8.18 -17.97
C VAL A 89 -7.08 8.83 -16.58
N GLY A 90 -5.96 9.48 -16.26
CA GLY A 90 -5.85 10.15 -14.97
C GLY A 90 -5.51 9.28 -13.78
N VAL A 91 -4.99 8.08 -14.00
CA VAL A 91 -4.60 7.19 -12.92
C VAL A 91 -3.08 7.03 -12.92
N ARG A 92 -2.45 7.38 -11.81
CA ARG A 92 -0.99 7.34 -11.72
C ARG A 92 -0.43 5.97 -11.41
N ILE A 93 0.86 5.84 -11.72
CA ILE A 93 1.59 4.62 -11.48
C ILE A 93 2.77 4.91 -10.55
N TYR A 94 2.91 4.10 -9.50
CA TYR A 94 4.00 4.23 -8.55
C TYR A 94 4.79 2.93 -8.51
N VAL A 95 6.09 3.04 -8.71
CA VAL A 95 6.95 1.87 -8.78
C VAL A 95 7.56 1.48 -7.44
N ASP A 96 7.49 0.17 -7.16
CA ASP A 96 8.12 -0.39 -5.98
C ASP A 96 9.61 -0.51 -6.30
N ALA A 97 10.39 0.48 -5.84
CA ALA A 97 11.82 0.52 -6.15
C ALA A 97 12.66 -0.27 -5.14
N VAL A 98 13.30 -1.33 -5.64
CA VAL A 98 14.20 -2.17 -4.85
C VAL A 98 15.62 -1.73 -5.16
N ILE A 99 16.13 -0.79 -4.37
CA ILE A 99 17.44 -0.21 -4.64
C ILE A 99 18.44 -0.35 -3.50
N ASN A 100 18.04 -0.97 -2.40
CA ASN A 100 18.97 -1.14 -1.29
C ASN A 100 19.87 -2.33 -1.52
N HIS A 101 19.39 -3.30 -2.28
CA HIS A 101 20.16 -4.53 -2.47
C HIS A 101 19.86 -5.20 -3.80
N MET A 102 20.68 -6.22 -4.08
CA MET A 102 20.48 -7.08 -5.22
C MET A 102 19.91 -8.40 -4.70
N CYS A 103 20.29 -9.56 -5.23
CA CYS A 103 19.70 -10.82 -4.74
C CYS A 103 20.46 -11.40 -3.54
N GLY A 104 19.98 -12.55 -3.05
CA GLY A 104 20.61 -13.21 -1.93
C GLY A 104 22.02 -13.63 -2.29
N ASN A 105 22.94 -13.54 -1.34
CA ASN A 105 24.33 -13.90 -1.57
C ASN A 105 24.52 -15.39 -1.77
N ALA A 106 23.54 -16.19 -1.34
CA ALA A 106 23.62 -17.64 -1.46
C ALA A 106 23.01 -18.15 -2.77
N VAL A 107 22.38 -17.27 -3.53
CA VAL A 107 21.75 -17.68 -4.80
C VAL A 107 22.81 -18.17 -5.80
N SER A 108 22.49 -19.26 -6.51
CA SER A 108 23.42 -19.84 -7.47
C SER A 108 23.61 -18.95 -8.71
N ALA A 109 24.84 -18.86 -9.17
CA ALA A 109 25.14 -18.06 -10.36
C ALA A 109 24.58 -18.73 -11.61
N GLY A 110 24.24 -17.93 -12.62
CA GLY A 110 23.69 -18.50 -13.83
C GLY A 110 22.75 -17.54 -14.55
N THR A 111 21.75 -18.08 -15.22
CA THR A 111 20.80 -17.24 -15.95
C THR A 111 19.37 -17.45 -15.47
N SER A 112 19.22 -17.91 -14.23
CA SER A 112 17.89 -18.09 -13.67
C SER A 112 17.31 -16.74 -13.26
N SER A 113 17.02 -15.94 -14.28
CA SER A 113 16.48 -14.60 -14.11
C SER A 113 15.28 -14.39 -15.01
N THR A 114 14.45 -13.38 -14.72
CA THR A 114 13.25 -13.15 -15.50
C THR A 114 13.54 -12.66 -16.91
N CYS A 115 14.77 -12.25 -17.21
CA CYS A 115 15.07 -11.83 -18.58
C CYS A 115 16.28 -12.57 -19.14
N GLY A 116 16.70 -13.63 -18.45
CA GLY A 116 17.83 -14.41 -18.91
C GLY A 116 19.19 -13.80 -18.64
N SER A 117 19.21 -12.65 -17.99
CA SER A 117 20.48 -11.98 -17.69
C SER A 117 21.34 -12.86 -16.79
N TYR A 118 22.64 -12.87 -17.06
CA TYR A 118 23.54 -13.67 -16.23
C TYR A 118 23.95 -12.88 -15.01
N PHE A 119 24.15 -13.59 -13.90
CA PHE A 119 24.57 -12.97 -12.65
C PHE A 119 25.27 -14.00 -11.77
N ASN A 120 26.19 -13.52 -10.93
CA ASN A 120 26.94 -14.39 -10.05
C ASN A 120 27.06 -13.76 -8.67
N PRO A 121 26.08 -14.04 -7.80
CA PRO A 121 26.08 -13.49 -6.43
C PRO A 121 27.40 -13.71 -5.71
N GLY A 122 27.92 -14.93 -5.82
CA GLY A 122 29.18 -15.27 -5.18
C GLY A 122 30.33 -14.33 -5.52
N SER A 123 30.47 -13.99 -6.79
CA SER A 123 31.54 -13.09 -7.18
C SER A 123 31.06 -11.63 -7.25
N ARG A 124 29.85 -11.39 -6.76
CA ARG A 124 29.27 -10.05 -6.76
C ARG A 124 29.23 -9.46 -8.16
N ASP A 125 28.95 -10.30 -9.16
CA ASP A 125 28.95 -9.82 -10.52
C ASP A 125 27.58 -9.81 -11.16
N PHE A 126 27.12 -8.61 -11.47
CA PHE A 126 25.83 -8.39 -12.15
C PHE A 126 26.09 -7.57 -13.39
N PRO A 127 26.67 -8.20 -14.43
CA PRO A 127 27.01 -7.57 -15.71
C PRO A 127 25.93 -6.83 -16.47
N ALA A 128 24.67 -7.13 -16.20
CA ALA A 128 23.58 -6.48 -16.91
C ALA A 128 23.33 -5.07 -16.41
N VAL A 129 23.94 -4.67 -15.29
CA VAL A 129 23.72 -3.33 -14.76
C VAL A 129 24.69 -2.30 -15.37
N PRO A 130 26.01 -2.48 -15.17
CA PRO A 130 26.74 -3.52 -14.45
C PRO A 130 27.20 -3.14 -13.05
N TYR A 131 27.23 -4.15 -12.18
CA TYR A 131 27.71 -4.01 -10.80
C TYR A 131 28.81 -5.04 -10.57
N SER A 132 29.78 -4.71 -9.72
CA SER A 132 30.86 -5.65 -9.40
C SER A 132 31.11 -5.66 -7.90
N GLY A 133 32.12 -6.41 -7.47
CA GLY A 133 32.42 -6.47 -6.05
C GLY A 133 32.64 -5.10 -5.42
N TRP A 134 33.12 -4.15 -6.22
CA TRP A 134 33.39 -2.80 -5.77
C TRP A 134 32.11 -2.03 -5.45
N ASP A 135 30.97 -2.58 -5.84
CA ASP A 135 29.70 -1.88 -5.66
C ASP A 135 28.89 -2.39 -4.46
N PHE A 136 29.49 -3.18 -3.59
CA PHE A 136 28.74 -3.70 -2.44
C PHE A 136 29.43 -3.34 -1.12
N ASN A 137 28.70 -3.47 -0.02
CA ASN A 137 29.18 -3.08 1.30
C ASN A 137 29.92 -4.20 2.03
N ASP A 138 30.33 -5.25 1.33
CA ASP A 138 31.02 -6.37 1.98
C ASP A 138 32.16 -5.90 2.88
N GLY A 139 32.92 -4.89 2.42
CA GLY A 139 34.03 -4.41 3.22
C GLY A 139 33.65 -3.35 4.25
N LYS A 140 32.42 -2.83 4.14
CA LYS A 140 31.95 -1.79 5.04
C LYS A 140 31.28 -2.39 6.28
N CYS A 141 30.49 -3.43 6.08
CA CYS A 141 29.78 -4.10 7.18
C CYS A 141 30.78 -4.61 8.22
N LYS A 142 30.45 -4.44 9.50
CA LYS A 142 31.37 -4.84 10.57
C LYS A 142 30.86 -6.05 11.36
N THR A 143 29.75 -6.65 10.96
CA THR A 143 29.26 -7.81 11.73
C THR A 143 30.07 -9.06 11.37
N GLY A 144 30.09 -10.03 12.29
CA GLY A 144 30.84 -11.25 12.03
C GLY A 144 30.23 -12.14 10.96
N SER A 145 28.94 -12.01 10.71
CA SER A 145 28.26 -12.81 9.70
C SER A 145 28.16 -12.08 8.37
N GLY A 146 28.32 -10.76 8.39
CA GLY A 146 28.19 -10.01 7.16
C GLY A 146 26.73 -9.62 6.96
N ASP A 147 25.87 -10.17 7.80
CA ASP A 147 24.43 -9.88 7.74
C ASP A 147 24.03 -8.99 8.92
N ILE A 148 22.83 -8.43 8.87
CA ILE A 148 22.33 -7.63 9.97
C ILE A 148 22.02 -8.55 11.16
N GLU A 149 22.57 -8.28 12.33
CA GLU A 149 22.36 -9.16 13.48
C GLU A 149 21.73 -8.43 14.67
N ASN A 150 21.88 -7.11 14.75
CA ASN A 150 21.36 -6.36 15.88
C ASN A 150 20.80 -5.00 15.47
N TYR A 151 19.50 -4.80 15.64
CA TYR A 151 18.87 -3.54 15.23
C TYR A 151 19.14 -2.39 16.19
N ASN A 152 19.85 -2.67 17.28
CA ASN A 152 20.19 -1.61 18.23
C ASN A 152 21.39 -0.81 17.75
N ASP A 153 22.04 -1.33 16.71
CA ASP A 153 23.19 -0.71 16.08
C ASP A 153 22.76 -0.16 14.72
N ALA A 154 22.44 1.13 14.68
CA ALA A 154 21.95 1.79 13.47
C ALA A 154 22.89 1.63 12.28
N THR A 155 24.19 1.47 12.52
CA THR A 155 25.15 1.36 11.43
C THR A 155 25.06 0.05 10.66
N GLN A 156 25.10 -1.08 11.36
CA GLN A 156 25.01 -2.37 10.68
C GLN A 156 23.66 -2.55 9.98
N VAL A 157 22.62 -1.91 10.50
CA VAL A 157 21.31 -2.03 9.89
C VAL A 157 21.33 -1.46 8.47
N ARG A 158 22.24 -0.51 8.21
CA ARG A 158 22.33 0.13 6.90
C ARG A 158 23.47 -0.41 6.03
N ASP A 159 24.57 -0.84 6.65
CA ASP A 159 25.74 -1.29 5.89
C ASP A 159 25.84 -2.81 5.75
N CYS A 160 25.01 -3.57 6.46
CA CYS A 160 25.09 -5.01 6.37
C CYS A 160 23.94 -5.61 5.56
N ARG A 161 24.05 -6.91 5.25
CA ARG A 161 23.06 -7.60 4.43
C ARG A 161 21.78 -7.95 5.17
N LEU A 162 20.66 -7.48 4.64
CA LEU A 162 19.36 -7.81 5.21
C LEU A 162 19.02 -9.25 4.85
N THR A 163 19.06 -10.13 5.85
CA THR A 163 18.82 -11.56 5.65
C THR A 163 19.59 -12.10 4.44
N GLY A 164 20.86 -11.72 4.34
CA GLY A 164 21.72 -12.19 3.26
C GLY A 164 21.67 -11.46 1.92
N LEU A 165 20.78 -10.49 1.80
CA LEU A 165 20.64 -9.74 0.55
C LEU A 165 21.86 -8.85 0.29
N LEU A 166 22.56 -9.08 -0.82
CA LEU A 166 23.73 -8.27 -1.14
C LEU A 166 23.40 -6.79 -1.04
N ASP A 167 24.12 -6.08 -0.18
CA ASP A 167 23.90 -4.66 0.09
C ASP A 167 24.74 -3.74 -0.78
N LEU A 168 24.07 -2.94 -1.60
CA LEU A 168 24.75 -2.01 -2.49
C LEU A 168 25.39 -0.86 -1.71
N ALA A 169 26.56 -0.44 -2.16
CA ALA A 169 27.28 0.67 -1.54
C ALA A 169 26.71 1.99 -2.03
N LEU A 170 25.58 2.39 -1.43
CA LEU A 170 24.84 3.58 -1.83
C LEU A 170 25.61 4.88 -1.60
N GLU A 171 26.80 4.81 -1.01
CA GLU A 171 27.59 6.02 -0.81
C GLU A 171 28.35 6.39 -2.09
N LYS A 172 28.56 5.40 -2.97
CA LYS A 172 29.29 5.61 -4.20
C LYS A 172 28.46 6.31 -5.27
N ASP A 173 29.05 7.31 -5.90
CA ASP A 173 28.32 8.03 -6.93
C ASP A 173 27.98 7.11 -8.09
N TYR A 174 28.86 6.17 -8.39
CA TYR A 174 28.56 5.25 -9.49
C TYR A 174 27.28 4.47 -9.22
N VAL A 175 27.17 3.92 -8.01
CA VAL A 175 25.99 3.16 -7.63
C VAL A 175 24.75 4.04 -7.58
N ARG A 176 24.90 5.22 -7.00
CA ARG A 176 23.79 6.15 -6.92
C ARG A 176 23.28 6.49 -8.32
N SER A 177 24.23 6.64 -9.24
CA SER A 177 23.96 6.98 -10.63
C SER A 177 23.26 5.84 -11.37
N LYS A 178 23.67 4.61 -11.11
CA LYS A 178 23.04 3.49 -11.78
C LYS A 178 21.58 3.36 -11.32
N ILE A 179 21.34 3.66 -10.05
CA ILE A 179 19.99 3.60 -9.53
C ILE A 179 19.16 4.77 -10.10
N ALA A 180 19.76 5.94 -10.16
CA ALA A 180 19.07 7.11 -10.71
C ALA A 180 18.74 6.87 -12.17
N GLU A 181 19.67 6.23 -12.88
CA GLU A 181 19.47 5.93 -14.28
C GLU A 181 18.22 5.09 -14.47
N TYR A 182 18.05 4.11 -13.60
CA TYR A 182 16.88 3.22 -13.61
C TYR A 182 15.61 3.99 -13.25
N MET A 183 15.66 4.77 -12.18
CA MET A 183 14.49 5.53 -11.76
C MET A 183 14.13 6.63 -12.78
N ASN A 184 15.13 7.26 -13.37
CA ASN A 184 14.84 8.31 -14.36
C ASN A 184 14.23 7.69 -15.62
N HIS A 185 14.62 6.45 -15.88
CA HIS A 185 14.07 5.71 -17.00
C HIS A 185 12.56 5.56 -16.81
N LEU A 186 12.18 5.23 -15.58
CA LEU A 186 10.79 5.06 -15.21
C LEU A 186 10.04 6.39 -15.18
N ILE A 187 10.65 7.41 -14.58
CA ILE A 187 9.99 8.72 -14.54
C ILE A 187 9.71 9.24 -15.93
N ASP A 188 10.69 9.14 -16.82
CA ASP A 188 10.52 9.62 -18.20
C ASP A 188 9.42 8.84 -18.93
N ILE A 189 9.25 7.57 -18.56
CA ILE A 189 8.21 6.75 -19.14
C ILE A 189 6.85 7.29 -18.72
N GLY A 190 6.79 7.86 -17.52
CA GLY A 190 5.55 8.42 -17.02
C GLY A 190 5.16 8.10 -15.59
N VAL A 191 6.00 7.37 -14.84
CA VAL A 191 5.66 7.06 -13.45
C VAL A 191 5.58 8.34 -12.61
N ALA A 192 4.68 8.38 -11.63
CA ALA A 192 4.47 9.57 -10.81
C ALA A 192 5.22 9.52 -9.47
N GLY A 193 5.77 8.37 -9.12
CA GLY A 193 6.46 8.29 -7.85
C GLY A 193 7.02 6.92 -7.55
N PHE A 194 7.54 6.73 -6.34
CA PHE A 194 8.11 5.44 -5.99
C PHE A 194 7.95 5.10 -4.53
N ARG A 195 7.87 3.80 -4.30
CA ARG A 195 7.89 3.25 -2.97
C ARG A 195 9.33 2.78 -2.75
N LEU A 196 10.05 3.36 -1.79
CA LEU A 196 11.42 2.96 -1.60
C LEU A 196 11.50 1.81 -0.62
N ASP A 197 11.65 0.62 -1.17
CA ASP A 197 11.74 -0.60 -0.38
C ASP A 197 12.97 -0.58 0.52
N ALA A 198 12.80 -1.11 1.73
CA ALA A 198 13.88 -1.22 2.71
C ALA A 198 14.60 0.11 2.97
N SER A 199 13.85 1.19 3.11
CA SER A 199 14.47 2.49 3.34
C SER A 199 15.19 2.54 4.68
N LYS A 200 14.71 1.78 5.66
CA LYS A 200 15.36 1.75 6.96
C LYS A 200 16.77 1.22 6.84
N HIS A 201 17.00 0.42 5.80
CA HIS A 201 18.31 -0.21 5.56
C HIS A 201 19.21 0.64 4.68
N MET A 202 18.80 1.89 4.47
CA MET A 202 19.56 2.84 3.69
C MET A 202 19.74 4.13 4.48
N TRP A 203 20.89 4.78 4.33
CA TRP A 203 21.13 6.03 5.06
C TRP A 203 20.29 7.16 4.48
N PRO A 204 19.64 7.94 5.35
CA PRO A 204 18.83 9.06 4.86
C PRO A 204 19.60 9.91 3.85
N GLY A 205 20.87 10.16 4.15
CA GLY A 205 21.70 10.97 3.27
C GLY A 205 21.94 10.33 1.92
N ASP A 206 22.07 9.01 1.90
CA ASP A 206 22.28 8.32 0.63
C ASP A 206 21.03 8.38 -0.22
N ILE A 207 19.86 8.20 0.41
CA ILE A 207 18.61 8.30 -0.33
C ILE A 207 18.46 9.67 -0.96
N LYS A 208 18.76 10.70 -0.16
CA LYS A 208 18.66 12.08 -0.64
C LYS A 208 19.58 12.30 -1.83
N ALA A 209 20.79 11.74 -1.77
CA ALA A 209 21.75 11.89 -2.85
C ALA A 209 21.20 11.31 -4.14
N ILE A 210 20.46 10.22 -4.02
CA ILE A 210 19.86 9.57 -5.20
C ILE A 210 18.69 10.40 -5.72
N LEU A 211 17.85 10.87 -4.80
CA LEU A 211 16.70 11.66 -5.19
C LEU A 211 17.12 12.94 -5.89
N ASP A 212 18.30 13.44 -5.54
CA ASP A 212 18.82 14.67 -6.13
C ASP A 212 19.12 14.50 -7.61
N LYS A 213 19.29 13.26 -8.06
CA LYS A 213 19.58 13.00 -9.46
C LYS A 213 18.30 12.69 -10.26
N LEU A 214 17.15 12.68 -9.58
CA LEU A 214 15.89 12.34 -10.25
C LEU A 214 15.29 13.49 -11.03
N HIS A 215 14.67 13.16 -12.17
CA HIS A 215 14.03 14.15 -13.03
C HIS A 215 12.68 14.54 -12.49
N ASN A 216 12.13 15.62 -13.04
CA ASN A 216 10.78 16.02 -12.69
C ASN A 216 9.84 15.13 -13.48
N LEU A 217 8.56 15.11 -13.16
CA LEU A 217 7.64 14.21 -13.86
C LEU A 217 7.49 14.58 -15.34
N ASN A 218 7.18 13.58 -16.16
CA ASN A 218 7.02 13.78 -17.60
C ASN A 218 6.06 14.94 -17.90
N SER A 219 6.60 16.01 -18.48
CA SER A 219 5.86 17.24 -18.77
C SER A 219 4.72 17.03 -19.77
N ASN A 220 4.60 15.86 -20.36
CA ASN A 220 3.48 15.65 -21.28
C ASN A 220 2.19 15.41 -20.49
N TRP A 221 2.34 14.98 -19.24
CA TRP A 221 1.18 14.71 -18.40
C TRP A 221 1.16 15.56 -17.12
N PHE A 222 2.34 15.90 -16.61
CA PHE A 222 2.40 16.67 -15.37
C PHE A 222 2.93 18.09 -15.58
N PRO A 223 2.44 19.06 -14.78
CA PRO A 223 2.90 20.44 -14.93
C PRO A 223 4.40 20.52 -14.65
N ALA A 224 5.05 21.52 -15.21
CA ALA A 224 6.49 21.68 -15.02
C ALA A 224 6.82 21.79 -13.53
N GLY A 225 7.96 21.23 -13.14
CA GLY A 225 8.38 21.29 -11.76
C GLY A 225 7.78 20.24 -10.84
N SER A 226 6.98 19.33 -11.40
CA SER A 226 6.37 18.27 -10.59
C SER A 226 7.43 17.27 -10.14
N LYS A 227 7.55 17.09 -8.83
CA LYS A 227 8.52 16.16 -8.29
C LYS A 227 7.89 14.80 -8.03
N PRO A 228 8.65 13.72 -8.27
CA PRO A 228 8.08 12.39 -8.04
C PRO A 228 7.69 12.17 -6.59
N PHE A 229 6.55 11.53 -6.38
CA PHE A 229 6.05 11.21 -5.05
C PHE A 229 6.96 10.17 -4.43
N ILE A 230 7.46 10.45 -3.23
CA ILE A 230 8.34 9.49 -2.57
C ILE A 230 7.78 9.02 -1.23
N TYR A 231 7.59 7.71 -1.09
CA TYR A 231 7.19 7.14 0.19
C TYR A 231 8.12 5.99 0.52
N GLN A 232 8.91 6.19 1.57
CA GLN A 232 9.93 5.25 2.00
C GLN A 232 9.39 4.17 2.93
N GLU A 233 9.72 2.93 2.60
CA GLU A 233 9.30 1.83 3.45
C GLU A 233 10.21 1.73 4.66
N VAL A 234 9.71 2.24 5.77
CA VAL A 234 10.45 2.21 7.01
C VAL A 234 9.61 1.57 8.09
N ILE A 235 10.06 0.43 8.58
CA ILE A 235 9.36 -0.27 9.63
C ILE A 235 9.86 0.20 10.99
N ASP A 236 9.09 1.06 11.63
CA ASP A 236 9.45 1.62 12.93
C ASP A 236 8.29 1.58 13.89
N LEU A 237 8.28 0.56 14.75
CA LEU A 237 7.24 0.40 15.74
C LEU A 237 7.70 0.94 17.08
N GLY A 238 8.79 1.70 17.04
CA GLY A 238 9.34 2.28 18.25
C GLY A 238 10.36 1.38 18.90
N GLY A 239 11.09 1.91 19.88
CA GLY A 239 12.08 1.10 20.58
C GLY A 239 13.40 0.87 19.88
N GLU A 240 13.62 1.51 18.73
CA GLU A 240 14.86 1.35 18.00
C GLU A 240 15.56 2.69 17.80
N PRO A 241 16.89 2.67 17.64
CA PRO A 241 17.64 3.91 17.43
C PRO A 241 17.21 4.64 16.17
N ILE A 242 16.84 3.87 15.14
CA ILE A 242 16.40 4.44 13.88
C ILE A 242 14.92 4.80 13.95
N LYS A 243 14.60 6.06 13.64
CA LYS A 243 13.22 6.52 13.64
C LYS A 243 12.78 6.87 12.23
N SER A 244 11.50 6.66 11.92
CA SER A 244 11.03 6.99 10.59
C SER A 244 11.18 8.48 10.30
N SER A 245 11.20 9.30 11.35
CA SER A 245 11.35 10.75 11.18
C SER A 245 12.71 11.11 10.59
N ASP A 246 13.68 10.21 10.68
CA ASP A 246 15.01 10.48 10.13
C ASP A 246 14.95 10.58 8.60
N TYR A 247 13.81 10.16 8.03
CA TYR A 247 13.67 10.15 6.58
C TYR A 247 12.69 11.21 6.06
N PHE A 248 12.24 12.12 6.92
CA PHE A 248 11.28 13.14 6.51
C PHE A 248 11.84 14.10 5.45
N GLY A 249 13.17 14.24 5.42
CA GLY A 249 13.77 15.13 4.45
C GLY A 249 13.77 14.63 3.02
N ASN A 250 13.36 13.38 2.82
CA ASN A 250 13.34 12.79 1.47
C ASN A 250 11.93 12.60 0.94
N GLY A 251 10.96 12.52 1.85
CA GLY A 251 9.59 12.33 1.42
C GLY A 251 8.77 11.69 2.53
N ARG A 252 7.63 11.11 2.15
CA ARG A 252 6.76 10.46 3.13
C ARG A 252 7.34 9.11 3.57
N VAL A 253 6.74 8.55 4.60
CA VAL A 253 7.17 7.26 5.11
C VAL A 253 5.96 6.38 5.40
N THR A 254 6.15 5.07 5.30
CA THR A 254 5.10 4.13 5.61
C THR A 254 4.90 4.09 7.12
N GLU A 255 3.68 4.28 7.60
CA GLU A 255 3.43 4.25 9.03
C GLU A 255 2.89 2.88 9.42
N PHE A 256 3.79 1.94 9.72
CA PHE A 256 3.40 0.60 10.07
C PHE A 256 2.70 0.55 11.44
N LYS A 257 2.79 1.64 12.20
CA LYS A 257 2.12 1.67 13.49
C LYS A 257 0.61 1.76 13.29
N TYR A 258 0.23 2.30 12.15
CA TYR A 258 -1.17 2.53 11.79
C TYR A 258 -1.97 1.22 11.74
N GLY A 259 -1.61 0.33 10.82
CA GLY A 259 -2.31 -0.93 10.70
C GLY A 259 -2.19 -1.83 11.92
N ALA A 260 -1.03 -1.81 12.56
CA ALA A 260 -0.80 -2.64 13.74
C ALA A 260 -1.75 -2.24 14.87
N LYS A 261 -1.83 -0.95 15.16
CA LYS A 261 -2.68 -0.45 16.22
C LYS A 261 -4.16 -0.57 15.86
N LEU A 262 -4.52 -0.27 14.62
CA LEU A 262 -5.91 -0.36 14.21
C LEU A 262 -6.40 -1.80 14.30
N GLY A 263 -5.52 -2.73 13.94
CA GLY A 263 -5.88 -4.14 14.00
C GLY A 263 -6.12 -4.59 15.43
N THR A 264 -5.24 -4.17 16.34
CA THR A 264 -5.39 -4.52 17.75
C THR A 264 -6.66 -3.92 18.34
N VAL A 265 -7.01 -2.72 17.86
CA VAL A 265 -8.20 -2.02 18.33
C VAL A 265 -9.48 -2.70 17.85
N ILE A 266 -9.53 -2.99 16.55
CA ILE A 266 -10.71 -3.64 15.96
C ILE A 266 -10.88 -5.06 16.49
N ARG A 267 -9.77 -5.72 16.77
CA ARG A 267 -9.83 -7.08 17.31
C ARG A 267 -10.14 -7.02 18.80
N LYS A 268 -9.99 -5.82 19.37
CA LYS A 268 -10.24 -5.58 20.78
C LYS A 268 -9.26 -6.36 21.65
N TRP A 269 -8.00 -6.38 21.22
CA TRP A 269 -6.95 -7.04 21.96
C TRP A 269 -6.51 -6.20 23.16
N ASN A 270 -6.08 -6.85 24.22
CA ASN A 270 -5.63 -6.20 25.46
C ASN A 270 -6.60 -5.09 25.93
N GLY A 271 -7.89 -5.32 25.78
CA GLY A 271 -8.86 -4.34 26.23
C GLY A 271 -9.00 -3.06 25.43
N GLU A 272 -8.47 -3.03 24.21
CA GLU A 272 -8.59 -1.85 23.37
C GLU A 272 -10.02 -1.69 22.88
N LYS A 273 -10.42 -0.46 22.59
CA LYS A 273 -11.76 -0.19 22.09
C LYS A 273 -11.76 0.94 21.08
N MET A 274 -12.72 0.91 20.16
CA MET A 274 -12.82 1.93 19.13
C MET A 274 -13.03 3.32 19.74
N SER A 275 -13.63 3.39 20.92
CA SER A 275 -13.83 4.68 21.56
C SER A 275 -12.50 5.41 21.77
N TYR A 276 -11.41 4.63 21.79
CA TYR A 276 -10.08 5.21 22.00
C TYR A 276 -9.54 5.89 20.74
N LEU A 277 -10.20 5.67 19.60
CA LEU A 277 -9.76 6.24 18.32
C LEU A 277 -10.12 7.72 18.17
N LYS A 278 -10.76 8.29 19.19
CA LYS A 278 -11.13 9.70 19.11
C LYS A 278 -9.95 10.59 18.70
N ASN A 279 -8.77 10.31 19.24
CA ASN A 279 -7.58 11.10 18.94
C ASN A 279 -6.62 10.38 17.99
N TRP A 280 -7.20 9.57 17.09
CA TRP A 280 -6.42 8.81 16.10
C TRP A 280 -5.47 9.74 15.34
N GLY A 281 -4.27 9.27 15.07
CA GLY A 281 -3.29 10.07 14.35
C GLY A 281 -2.03 10.31 15.16
N GLU A 282 -1.53 11.54 15.11
CA GLU A 282 -0.33 11.91 15.85
C GLU A 282 -0.50 11.62 17.35
N GLY A 283 -1.73 11.69 17.83
CA GLY A 283 -2.00 11.43 19.23
C GLY A 283 -1.61 10.03 19.67
N TRP A 284 -1.51 9.11 18.71
CA TRP A 284 -1.14 7.74 19.03
C TRP A 284 0.35 7.51 18.82
N GLY A 285 1.08 8.60 18.62
CA GLY A 285 2.51 8.48 18.42
C GLY A 285 2.89 8.26 16.96
N PHE A 286 1.95 8.51 16.06
CA PHE A 286 2.21 8.33 14.64
C PHE A 286 2.93 9.55 14.06
N VAL A 287 3.56 9.37 12.90
CA VAL A 287 4.26 10.47 12.26
C VAL A 287 3.27 11.53 11.80
N PRO A 288 3.74 12.75 11.49
CA PRO A 288 2.84 13.81 11.02
C PRO A 288 2.02 13.30 9.83
N SER A 289 0.77 13.71 9.77
CA SER A 289 -0.15 13.30 8.71
C SER A 289 0.41 13.56 7.31
N ASP A 290 1.08 14.69 7.10
CA ASP A 290 1.59 15.01 5.77
C ASP A 290 2.84 14.24 5.38
N ARG A 291 3.28 13.33 6.24
CA ARG A 291 4.44 12.50 5.93
C ARG A 291 4.08 11.03 6.03
N ALA A 292 2.79 10.75 6.16
CA ALA A 292 2.37 9.37 6.35
C ALA A 292 1.68 8.76 5.13
N LEU A 293 2.08 7.52 4.89
CA LEU A 293 1.47 6.64 3.90
C LEU A 293 0.81 5.56 4.72
N VAL A 294 -0.52 5.56 4.81
CA VAL A 294 -1.18 4.58 5.65
C VAL A 294 -1.86 3.47 4.88
N PHE A 295 -2.11 2.39 5.61
CA PHE A 295 -2.72 1.19 5.08
C PHE A 295 -3.08 0.25 6.22
N VAL A 296 -4.06 -0.61 6.00
CA VAL A 296 -4.46 -1.57 7.03
C VAL A 296 -3.48 -2.74 7.06
N ASP A 297 -3.17 -3.24 5.86
CA ASP A 297 -2.21 -4.31 5.66
C ASP A 297 -1.44 -4.08 4.37
N ASN A 298 -0.29 -4.74 4.23
CA ASN A 298 0.49 -4.63 3.00
C ASN A 298 0.90 -6.01 2.52
N HIS A 299 1.57 -6.08 1.38
CA HIS A 299 1.94 -7.37 0.79
C HIS A 299 2.78 -8.22 1.73
N ASP A 300 3.50 -7.57 2.64
CA ASP A 300 4.37 -8.28 3.57
C ASP A 300 3.62 -8.80 4.80
N ASN A 301 3.08 -7.89 5.60
CA ASN A 301 2.44 -8.27 6.86
C ASN A 301 1.09 -8.97 6.70
N GLN A 302 0.51 -9.00 5.52
CA GLN A 302 -0.75 -9.73 5.37
C GLN A 302 -0.48 -11.22 5.40
N ARG A 303 0.79 -11.59 5.24
CA ARG A 303 1.19 -12.99 5.26
C ARG A 303 2.28 -13.24 6.28
N GLY A 304 2.24 -12.47 7.37
CA GLY A 304 3.21 -12.61 8.45
C GLY A 304 4.67 -12.34 8.11
N HIS A 305 4.92 -11.60 7.04
CA HIS A 305 6.29 -11.29 6.63
C HIS A 305 6.70 -9.88 7.02
N GLY A 306 5.78 -9.13 7.64
CA GLY A 306 6.11 -7.76 8.01
C GLY A 306 5.75 -7.37 9.43
N ALA A 307 5.93 -6.08 9.72
CA ALA A 307 5.64 -5.53 11.04
C ALA A 307 4.14 -5.46 11.29
N GLY A 308 3.75 -5.57 12.55
CA GLY A 308 2.35 -5.52 12.92
C GLY A 308 1.96 -6.76 13.69
N GLY A 309 2.53 -7.89 13.30
CA GLY A 309 2.23 -9.15 13.97
C GLY A 309 0.93 -9.80 13.55
N ALA A 310 0.36 -10.57 14.46
CA ALA A 310 -0.89 -11.28 14.20
C ALA A 310 -2.09 -10.36 14.33
N SER A 311 -1.87 -9.11 14.67
CA SER A 311 -2.98 -8.16 14.83
C SER A 311 -3.45 -7.61 13.49
N ILE A 312 -2.57 -7.66 12.49
CA ILE A 312 -2.88 -7.16 11.16
C ILE A 312 -4.13 -7.83 10.58
N LEU A 313 -5.06 -7.01 10.11
CA LEU A 313 -6.28 -7.50 9.51
C LEU A 313 -6.10 -7.62 8.00
N THR A 314 -6.67 -8.66 7.40
CA THR A 314 -6.56 -8.89 5.97
C THR A 314 -7.89 -9.35 5.38
N PHE A 315 -7.92 -9.53 4.06
CA PHE A 315 -9.12 -9.99 3.39
C PHE A 315 -9.64 -11.29 3.99
N TRP A 316 -8.74 -12.06 4.63
CA TRP A 316 -9.16 -13.31 5.26
C TRP A 316 -10.15 -13.02 6.38
N ASP A 317 -10.01 -11.84 6.98
CA ASP A 317 -10.88 -11.36 8.05
C ASP A 317 -11.86 -10.34 7.49
N ALA A 318 -12.48 -10.71 6.37
CA ALA A 318 -13.40 -9.92 5.58
C ALA A 318 -14.24 -8.91 6.37
N ARG A 319 -15.08 -9.38 7.31
CA ARG A 319 -15.96 -8.47 8.05
C ARG A 319 -15.21 -7.37 8.79
N LEU A 320 -14.24 -7.75 9.63
CA LEU A 320 -13.48 -6.76 10.39
C LEU A 320 -12.58 -5.94 9.47
N TYR A 321 -12.10 -6.56 8.41
CA TYR A 321 -11.22 -5.90 7.46
C TYR A 321 -11.92 -4.72 6.79
N LYS A 322 -13.16 -4.94 6.37
CA LYS A 322 -13.93 -3.90 5.72
C LYS A 322 -14.14 -2.71 6.64
N MET A 323 -14.32 -2.97 7.94
CA MET A 323 -14.52 -1.90 8.89
C MET A 323 -13.24 -1.11 9.11
N ALA A 324 -12.11 -1.81 9.22
CA ALA A 324 -10.83 -1.16 9.41
C ALA A 324 -10.50 -0.27 8.22
N VAL A 325 -10.71 -0.81 7.03
CA VAL A 325 -10.46 -0.05 5.80
C VAL A 325 -11.39 1.16 5.73
N GLY A 326 -12.64 0.95 6.13
CA GLY A 326 -13.62 2.03 6.12
C GLY A 326 -13.21 3.14 7.06
N PHE A 327 -12.77 2.78 8.26
CA PHE A 327 -12.35 3.78 9.22
C PHE A 327 -11.16 4.58 8.68
N MET A 328 -10.20 3.87 8.10
CA MET A 328 -9.02 4.51 7.54
C MET A 328 -9.40 5.48 6.41
N LEU A 329 -10.23 5.02 5.50
CA LEU A 329 -10.64 5.84 4.35
C LEU A 329 -11.50 7.03 4.77
N ALA A 330 -12.15 6.93 5.92
CA ALA A 330 -13.00 8.04 6.39
C ALA A 330 -12.20 9.06 7.19
N HIS A 331 -11.16 8.60 7.89
CA HIS A 331 -10.34 9.48 8.74
C HIS A 331 -9.33 10.27 7.92
N PRO A 332 -9.22 11.59 8.18
CA PRO A 332 -8.30 12.50 7.49
C PRO A 332 -6.79 12.26 7.60
N TYR A 333 -6.37 11.48 8.58
CA TYR A 333 -4.94 11.26 8.77
C TYR A 333 -4.29 10.49 7.62
N GLY A 334 -3.18 11.06 7.12
CA GLY A 334 -2.38 10.47 6.06
C GLY A 334 -2.94 10.25 4.66
N PHE A 335 -2.07 9.69 3.80
CA PHE A 335 -2.43 9.33 2.44
C PHE A 335 -2.64 7.82 2.40
N THR A 336 -3.85 7.44 2.03
CA THR A 336 -4.31 6.06 2.07
C THR A 336 -3.97 5.21 0.85
N ARG A 337 -3.55 3.99 1.15
CA ARG A 337 -3.25 2.96 0.15
C ARG A 337 -4.10 1.73 0.41
N VAL A 338 -4.88 1.33 -0.60
CA VAL A 338 -5.72 0.15 -0.47
C VAL A 338 -4.99 -1.08 -1.00
N MET A 339 -5.11 -2.20 -0.30
CA MET A 339 -4.46 -3.42 -0.70
C MET A 339 -5.34 -4.27 -1.60
N SER A 340 -4.73 -4.85 -2.63
CA SER A 340 -5.40 -5.74 -3.56
C SER A 340 -4.55 -6.99 -3.71
N SER A 341 -5.05 -8.11 -3.19
CA SER A 341 -4.24 -9.32 -3.17
C SER A 341 -4.84 -10.48 -3.93
N TYR A 342 -4.13 -11.60 -3.84
CA TYR A 342 -4.53 -12.85 -4.44
C TYR A 342 -4.69 -13.90 -3.36
N ARG A 343 -5.48 -14.92 -3.66
CA ARG A 343 -5.72 -15.99 -2.71
C ARG A 343 -4.61 -17.03 -2.78
N TRP A 344 -4.25 -17.57 -1.62
CA TRP A 344 -3.23 -18.61 -1.56
C TRP A 344 -3.60 -19.64 -0.51
N PRO A 345 -3.10 -20.88 -0.64
CA PRO A 345 -3.42 -21.93 0.33
C PRO A 345 -2.84 -21.72 1.71
N ARG A 346 -3.37 -20.74 2.45
CA ARG A 346 -2.90 -20.48 3.80
C ARG A 346 -3.01 -21.72 4.65
N GLN A 347 -1.87 -22.18 5.19
CA GLN A 347 -1.83 -23.37 6.02
C GLN A 347 -1.09 -23.08 7.32
N PHE A 348 -1.85 -22.87 8.39
CA PHE A 348 -1.26 -22.55 9.69
C PHE A 348 -0.87 -23.79 10.48
N GLN A 349 0.41 -23.82 10.88
CA GLN A 349 0.96 -24.90 11.68
C GLN A 349 1.83 -24.32 12.78
N ASN A 350 1.43 -24.53 14.03
CA ASN A 350 2.18 -23.98 15.16
C ASN A 350 2.20 -22.45 15.09
N GLY A 351 1.08 -21.89 14.66
CA GLY A 351 0.94 -20.45 14.56
C GLY A 351 1.57 -19.79 13.35
N ASN A 352 2.20 -20.57 12.47
CA ASN A 352 2.84 -20.00 11.28
C ASN A 352 2.30 -20.61 9.99
N ASP A 353 2.07 -19.75 9.00
CA ASP A 353 1.57 -20.18 7.69
C ASP A 353 2.72 -20.73 6.84
N VAL A 354 2.75 -22.04 6.65
CA VAL A 354 3.83 -22.68 5.89
C VAL A 354 3.76 -22.38 4.39
N ASN A 355 2.65 -21.82 3.93
CA ASN A 355 2.48 -21.50 2.52
C ASN A 355 2.52 -19.99 2.28
N ASP A 356 3.23 -19.25 3.13
CA ASP A 356 3.28 -17.80 3.00
C ASP A 356 4.21 -17.35 1.87
N TRP A 357 4.86 -18.30 1.21
CA TRP A 357 5.78 -17.99 0.13
C TRP A 357 5.10 -18.05 -1.25
N VAL A 358 3.96 -18.73 -1.31
CA VAL A 358 3.23 -18.92 -2.57
C VAL A 358 3.09 -17.63 -3.38
N GLY A 359 3.46 -17.72 -4.65
CA GLY A 359 3.37 -16.59 -5.55
C GLY A 359 1.95 -16.38 -6.06
N PRO A 360 1.76 -15.42 -6.98
CA PRO A 360 0.44 -15.12 -7.54
C PRO A 360 -0.15 -16.29 -8.33
N PRO A 361 -1.49 -16.28 -8.54
CA PRO A 361 -2.15 -17.36 -9.30
C PRO A 361 -1.38 -17.55 -10.60
N ASN A 362 -1.15 -18.80 -10.99
CA ASN A 362 -0.36 -19.02 -12.19
C ASN A 362 -0.55 -20.41 -12.77
N ASN A 363 -0.15 -20.52 -14.02
CA ASN A 363 -0.17 -21.76 -14.78
C ASN A 363 1.26 -22.09 -15.18
N ASN A 364 1.87 -23.05 -14.50
CA ASN A 364 3.25 -23.42 -14.77
C ASN A 364 4.20 -22.22 -14.60
N GLY A 365 3.88 -21.33 -13.67
CA GLY A 365 4.75 -20.18 -13.46
C GLY A 365 4.33 -18.92 -14.20
N VAL A 366 3.34 -19.03 -15.08
CA VAL A 366 2.87 -17.88 -15.83
C VAL A 366 1.67 -17.25 -15.10
N ILE A 367 1.87 -16.04 -14.58
CA ILE A 367 0.82 -15.35 -13.84
C ILE A 367 -0.48 -15.34 -14.63
N LYS A 368 -1.56 -15.71 -13.95
CA LYS A 368 -2.88 -15.78 -14.56
C LYS A 368 -3.46 -14.40 -14.80
N GLU A 369 -4.28 -14.31 -15.84
CA GLU A 369 -4.94 -13.07 -16.18
C GLU A 369 -5.98 -12.73 -15.13
N VAL A 370 -6.26 -11.44 -14.95
CA VAL A 370 -7.30 -11.05 -14.01
C VAL A 370 -8.63 -11.02 -14.73
N THR A 371 -9.51 -11.95 -14.40
CA THR A 371 -10.83 -12.00 -15.05
C THR A 371 -11.88 -11.28 -14.21
N ILE A 372 -12.84 -10.66 -14.89
CA ILE A 372 -13.90 -9.94 -14.19
C ILE A 372 -15.22 -10.69 -14.27
N ASN A 373 -15.81 -10.96 -13.11
CA ASN A 373 -17.09 -11.66 -13.05
C ASN A 373 -18.25 -10.68 -13.24
N PRO A 374 -19.40 -11.19 -13.71
CA PRO A 374 -20.56 -10.31 -13.91
C PRO A 374 -20.93 -9.46 -12.70
N ASP A 375 -20.61 -9.92 -11.48
CA ASP A 375 -20.95 -9.13 -10.28
C ASP A 375 -19.83 -8.15 -9.93
N THR A 376 -18.91 -7.98 -10.86
CA THR A 376 -17.76 -7.07 -10.76
C THR A 376 -16.64 -7.62 -9.86
N THR A 377 -16.78 -8.83 -9.34
CA THR A 377 -15.68 -9.39 -8.54
C THR A 377 -14.65 -10.00 -9.49
N CYS A 378 -13.52 -10.48 -8.97
CA CYS A 378 -12.51 -11.06 -9.85
C CYS A 378 -12.44 -12.57 -9.73
N GLY A 379 -11.99 -13.21 -10.80
CA GLY A 379 -11.85 -14.65 -10.80
C GLY A 379 -10.37 -14.95 -10.83
N ASN A 380 -10.02 -16.21 -11.13
CA ASN A 380 -8.62 -16.63 -11.21
C ASN A 380 -7.87 -16.45 -9.90
N ASP A 381 -8.61 -16.47 -8.80
CA ASP A 381 -8.06 -16.39 -7.45
C ASP A 381 -7.58 -15.00 -7.05
N TRP A 382 -7.93 -13.98 -7.83
CA TRP A 382 -7.57 -12.61 -7.46
C TRP A 382 -8.65 -12.09 -6.50
N VAL A 383 -8.26 -11.63 -5.31
CA VAL A 383 -9.24 -11.15 -4.32
C VAL A 383 -9.93 -9.86 -4.75
N CYS A 384 -9.14 -8.91 -5.28
CA CYS A 384 -9.68 -7.63 -5.74
C CYS A 384 -10.50 -6.91 -4.68
N GLU A 385 -9.90 -6.70 -3.50
CA GLU A 385 -10.59 -6.01 -2.42
C GLU A 385 -11.03 -4.61 -2.85
N HIS A 386 -10.27 -4.00 -3.75
CA HIS A 386 -10.58 -2.66 -4.22
C HIS A 386 -11.89 -2.65 -5.01
N ARG A 387 -12.38 -3.84 -5.35
CA ARG A 387 -13.63 -3.95 -6.09
C ARG A 387 -14.80 -4.28 -5.17
N TRP A 388 -14.50 -4.56 -3.89
CA TRP A 388 -15.56 -4.81 -2.92
C TRP A 388 -16.39 -3.53 -2.77
N ARG A 389 -17.70 -3.63 -2.90
CA ARG A 389 -18.54 -2.44 -2.79
C ARG A 389 -18.21 -1.60 -1.56
N GLN A 390 -18.11 -2.25 -0.40
CA GLN A 390 -17.82 -1.56 0.84
C GLN A 390 -16.48 -0.80 0.81
N ILE A 391 -15.53 -1.30 0.03
CA ILE A 391 -14.24 -0.62 -0.05
C ILE A 391 -14.22 0.41 -1.17
N ARG A 392 -14.74 0.03 -2.33
CA ARG A 392 -14.79 0.95 -3.45
C ARG A 392 -15.57 2.22 -3.09
N ASN A 393 -16.69 2.05 -2.41
CA ASN A 393 -17.51 3.22 -2.07
C ASN A 393 -16.85 4.09 -1.01
N MET A 394 -15.99 3.51 -0.18
CA MET A 394 -15.30 4.30 0.83
C MET A 394 -14.14 5.07 0.20
N VAL A 395 -13.60 4.52 -0.89
CA VAL A 395 -12.56 5.20 -1.62
C VAL A 395 -13.14 6.49 -2.21
N ILE A 396 -14.38 6.37 -2.67
CA ILE A 396 -15.09 7.52 -3.21
C ILE A 396 -15.47 8.48 -2.09
N PHE A 397 -15.84 7.92 -0.95
CA PHE A 397 -16.18 8.72 0.23
C PHE A 397 -15.04 9.67 0.58
N ARG A 398 -13.81 9.15 0.55
CA ARG A 398 -12.65 9.96 0.88
C ARG A 398 -12.47 11.11 -0.12
N ASN A 399 -12.76 10.84 -1.39
CA ASN A 399 -12.65 11.86 -2.42
C ASN A 399 -13.66 12.97 -2.16
N VAL A 400 -14.89 12.57 -1.87
CA VAL A 400 -15.98 13.49 -1.63
C VAL A 400 -15.74 14.40 -0.43
N VAL A 401 -15.20 13.86 0.65
CA VAL A 401 -14.95 14.65 1.85
C VAL A 401 -13.56 15.28 1.87
N ASP A 402 -12.81 15.11 0.78
CA ASP A 402 -11.47 15.67 0.68
C ASP A 402 -11.41 17.10 1.23
N GLY A 403 -10.53 17.33 2.19
CA GLY A 403 -10.38 18.66 2.76
C GLY A 403 -11.28 19.01 3.94
N GLN A 404 -12.33 18.24 4.17
CA GLN A 404 -13.25 18.52 5.28
C GLN A 404 -12.64 18.08 6.61
N PRO A 405 -12.89 18.86 7.67
CA PRO A 405 -12.36 18.56 9.01
C PRO A 405 -13.03 17.41 9.75
N PHE A 406 -12.26 16.81 10.67
CA PHE A 406 -12.77 15.75 11.52
C PHE A 406 -13.64 16.38 12.59
N THR A 407 -14.92 16.03 12.63
CA THR A 407 -15.82 16.63 13.60
C THR A 407 -16.97 15.72 13.99
N ASN A 408 -17.80 16.25 14.89
CA ASN A 408 -18.99 15.55 15.36
C ASN A 408 -18.68 14.14 15.79
N TRP A 409 -17.60 13.97 16.54
CA TRP A 409 -17.23 12.65 17.02
C TRP A 409 -18.19 12.18 18.10
N TYR A 410 -18.49 10.89 18.10
CA TYR A 410 -19.34 10.28 19.09
C TYR A 410 -18.84 8.89 19.45
N ASP A 411 -19.06 8.51 20.69
CA ASP A 411 -18.69 7.18 21.16
C ASP A 411 -19.48 6.83 22.41
N ASN A 412 -19.68 5.54 22.64
CA ASN A 412 -20.45 5.06 23.79
C ASN A 412 -19.53 4.60 24.91
N GLY A 413 -18.25 4.98 24.82
CA GLY A 413 -17.30 4.59 25.83
C GLY A 413 -16.85 3.15 25.62
N SER A 414 -17.41 2.50 24.60
CA SER A 414 -17.06 1.12 24.31
C SER A 414 -16.55 0.94 22.88
N ASN A 415 -17.35 0.33 22.01
CA ASN A 415 -16.94 0.09 20.63
C ASN A 415 -17.92 0.64 19.61
N GLN A 416 -18.80 1.55 20.04
CA GLN A 416 -19.74 2.19 19.13
C GLN A 416 -19.36 3.65 18.98
N VAL A 417 -18.86 4.02 17.79
CA VAL A 417 -18.41 5.38 17.53
C VAL A 417 -18.91 5.90 16.19
N ALA A 418 -18.73 7.19 15.99
CA ALA A 418 -19.12 7.83 14.74
C ALA A 418 -18.48 9.20 14.62
N PHE A 419 -18.31 9.66 13.39
CA PHE A 419 -17.73 10.97 13.19
C PHE A 419 -18.03 11.47 11.80
N GLY A 420 -17.86 12.77 11.60
CA GLY A 420 -18.12 13.32 10.30
C GLY A 420 -16.95 14.07 9.74
N ARG A 421 -17.08 14.43 8.48
CA ARG A 421 -16.08 15.22 7.79
C ARG A 421 -16.72 16.50 7.29
N GLY A 422 -16.55 17.57 8.06
CA GLY A 422 -17.17 18.83 7.69
C GLY A 422 -18.65 18.55 7.50
N ASN A 423 -19.21 19.07 6.42
CA ASN A 423 -20.62 18.84 6.11
C ASN A 423 -20.77 18.01 4.85
N ARG A 424 -19.79 17.16 4.57
CA ARG A 424 -19.83 16.37 3.34
C ARG A 424 -19.95 14.88 3.60
N GLY A 425 -19.69 14.44 4.83
CA GLY A 425 -19.78 13.02 5.11
C GLY A 425 -19.88 12.64 6.58
N PHE A 426 -20.45 11.47 6.82
CA PHE A 426 -20.62 10.95 8.18
C PHE A 426 -20.54 9.43 8.17
N ILE A 427 -19.90 8.86 9.18
CA ILE A 427 -19.75 7.41 9.26
C ILE A 427 -20.00 6.89 10.68
N VAL A 428 -20.67 5.74 10.78
CA VAL A 428 -21.00 5.15 12.07
C VAL A 428 -20.50 3.71 12.15
N PHE A 429 -19.89 3.35 13.29
CA PHE A 429 -19.34 2.01 13.47
C PHE A 429 -19.87 1.34 14.73
N ASN A 430 -20.18 0.05 14.63
CA ASN A 430 -20.64 -0.73 15.78
C ASN A 430 -19.81 -1.98 15.93
N ASN A 431 -18.80 -1.93 16.78
CA ASN A 431 -17.97 -3.12 16.99
C ASN A 431 -18.20 -3.71 18.37
N ASP A 432 -19.37 -3.44 18.93
CA ASP A 432 -19.74 -3.97 20.23
C ASP A 432 -20.57 -5.24 20.03
N ASP A 433 -20.74 -6.02 21.09
CA ASP A 433 -21.50 -7.25 20.98
C ASP A 433 -23.00 -7.03 21.15
N TRP A 434 -23.42 -5.78 21.02
CA TRP A 434 -24.84 -5.44 21.11
C TRP A 434 -25.22 -4.43 20.03
N SER A 435 -26.52 -4.26 19.79
CA SER A 435 -27.00 -3.36 18.75
C SER A 435 -26.78 -1.89 19.07
N PHE A 436 -26.67 -1.10 18.01
CA PHE A 436 -26.49 0.34 18.14
C PHE A 436 -27.65 1.09 17.47
N SER A 437 -28.52 1.66 18.27
CA SER A 437 -29.66 2.41 17.77
C SER A 437 -29.76 3.76 18.48
N LEU A 438 -29.36 4.82 17.80
CA LEU A 438 -29.38 6.13 18.42
C LEU A 438 -29.35 7.24 17.38
N THR A 439 -29.90 8.39 17.75
CA THR A 439 -29.91 9.55 16.88
C THR A 439 -28.64 10.36 17.11
N LEU A 440 -27.93 10.69 16.03
CA LEU A 440 -26.66 11.42 16.16
C LEU A 440 -26.64 12.68 15.32
N GLN A 441 -25.76 13.61 15.71
CA GLN A 441 -25.56 14.84 14.96
C GLN A 441 -24.58 14.56 13.83
N THR A 442 -25.02 14.75 12.59
CA THR A 442 -24.18 14.43 11.43
C THR A 442 -23.47 15.63 10.83
N GLY A 443 -24.00 16.83 11.03
CA GLY A 443 -23.37 18.00 10.44
C GLY A 443 -23.65 18.06 8.94
N LEU A 444 -24.56 17.22 8.48
CA LEU A 444 -24.93 17.15 7.07
C LEU A 444 -26.23 17.89 6.79
N PRO A 445 -26.39 18.45 5.58
CA PRO A 445 -27.65 19.15 5.30
C PRO A 445 -28.81 18.14 5.26
N ALA A 446 -30.01 18.62 5.56
CA ALA A 446 -31.21 17.77 5.59
C ALA A 446 -31.39 17.01 4.28
N GLY A 447 -31.99 15.83 4.38
CA GLY A 447 -32.24 15.02 3.20
C GLY A 447 -32.15 13.52 3.43
N THR A 448 -32.33 12.77 2.34
CA THR A 448 -32.25 11.31 2.38
C THR A 448 -30.93 10.86 1.76
N TYR A 449 -30.15 10.11 2.53
CA TYR A 449 -28.85 9.65 2.05
C TYR A 449 -28.78 8.13 1.97
N CYS A 450 -28.14 7.66 0.89
CA CYS A 450 -27.95 6.23 0.71
C CYS A 450 -26.71 5.78 1.46
N ASP A 451 -26.85 4.71 2.25
CA ASP A 451 -25.69 4.15 2.91
C ASP A 451 -24.84 3.47 1.85
N VAL A 452 -23.59 3.91 1.67
CA VAL A 452 -22.75 3.36 0.62
C VAL A 452 -22.06 2.05 1.01
N ILE A 453 -22.31 1.57 2.22
CA ILE A 453 -21.71 0.31 2.63
C ILE A 453 -22.64 -0.85 2.28
N SER A 454 -23.90 -0.74 2.70
CA SER A 454 -24.89 -1.78 2.43
C SER A 454 -25.42 -1.66 1.00
N GLY A 455 -25.21 -0.52 0.36
CA GLY A 455 -25.72 -0.36 -0.99
C GLY A 455 -25.05 0.67 -1.86
N ASP A 456 -25.83 1.24 -2.77
CA ASP A 456 -25.35 2.25 -3.71
C ASP A 456 -26.45 3.21 -4.07
N LYS A 457 -26.05 4.35 -4.63
CA LYS A 457 -27.02 5.31 -5.12
C LYS A 457 -27.12 5.14 -6.62
N ILE A 458 -28.22 4.56 -7.08
CA ILE A 458 -28.43 4.33 -8.50
C ILE A 458 -29.75 4.94 -8.95
N ASN A 459 -29.66 5.77 -9.99
CA ASN A 459 -30.82 6.49 -10.54
C ASN A 459 -31.75 7.01 -9.45
N GLY A 460 -31.26 8.00 -8.71
CA GLY A 460 -32.05 8.61 -7.65
C GLY A 460 -32.66 7.67 -6.63
N ASN A 461 -32.04 6.51 -6.41
CA ASN A 461 -32.56 5.55 -5.45
C ASN A 461 -31.44 4.81 -4.73
N CYS A 462 -31.72 4.40 -3.49
CA CYS A 462 -30.74 3.66 -2.68
C CYS A 462 -31.02 2.16 -2.77
N THR A 463 -29.97 1.36 -2.94
CA THR A 463 -30.15 -0.08 -3.03
C THR A 463 -30.07 -0.73 -1.65
N GLY A 464 -29.50 0.00 -0.69
CA GLY A 464 -29.38 -0.54 0.65
C GLY A 464 -30.06 0.33 1.69
N ILE A 465 -29.43 0.45 2.85
CA ILE A 465 -30.00 1.26 3.93
C ILE A 465 -30.14 2.71 3.51
N LYS A 466 -31.16 3.36 4.04
CA LYS A 466 -31.41 4.78 3.77
C LYS A 466 -31.39 5.55 5.08
N ILE A 467 -30.69 6.69 5.09
CA ILE A 467 -30.62 7.52 6.28
C ILE A 467 -31.32 8.85 6.06
N TYR A 468 -32.12 9.25 7.03
CA TYR A 468 -32.85 10.50 6.93
C TYR A 468 -32.32 11.55 7.90
N VAL A 469 -31.73 12.60 7.36
CA VAL A 469 -31.17 13.69 8.15
C VAL A 469 -32.18 14.84 8.24
N SER A 470 -32.49 15.26 9.46
CA SER A 470 -33.47 16.34 9.66
C SER A 470 -32.83 17.73 9.57
N ASP A 471 -33.66 18.74 9.77
CA ASP A 471 -33.25 20.14 9.68
C ASP A 471 -32.16 20.49 10.68
N ASP A 472 -32.05 19.74 11.78
CA ASP A 472 -31.05 20.04 12.79
C ASP A 472 -29.76 19.24 12.56
N GLY A 473 -29.68 18.55 11.42
CA GLY A 473 -28.49 17.78 11.12
C GLY A 473 -28.45 16.41 11.79
N LYS A 474 -29.42 16.15 12.66
CA LYS A 474 -29.49 14.88 13.35
C LYS A 474 -30.08 13.78 12.47
N ALA A 475 -29.72 12.54 12.76
CA ALA A 475 -30.23 11.41 12.01
C ALA A 475 -30.18 10.14 12.86
N HIS A 476 -31.16 9.27 12.69
CA HIS A 476 -31.18 8.04 13.46
C HIS A 476 -30.42 6.93 12.74
N PHE A 477 -29.52 6.28 13.49
CA PHE A 477 -28.74 5.18 12.94
C PHE A 477 -29.01 3.91 13.73
N SER A 478 -29.19 2.80 13.02
CA SER A 478 -29.44 1.52 13.67
C SER A 478 -28.56 0.43 13.08
N ILE A 479 -27.61 -0.06 13.88
CA ILE A 479 -26.71 -1.10 13.42
C ILE A 479 -26.65 -2.26 14.41
N SER A 480 -27.16 -3.41 13.97
CA SER A 480 -27.14 -4.61 14.80
C SER A 480 -25.76 -5.25 14.76
N ASN A 481 -25.30 -5.80 15.87
CA ASN A 481 -23.99 -6.45 15.90
C ASN A 481 -23.97 -7.66 15.00
N SER A 482 -25.13 -8.01 14.45
CA SER A 482 -25.24 -9.17 13.57
C SER A 482 -25.34 -8.77 12.10
N ALA A 483 -25.17 -7.48 11.81
CA ALA A 483 -25.24 -7.02 10.42
C ALA A 483 -24.03 -7.52 9.64
N GLU A 484 -24.20 -7.79 8.34
CA GLU A 484 -23.07 -8.24 7.53
C GLU A 484 -21.90 -7.28 7.69
N ASP A 485 -22.23 -6.00 7.59
CA ASP A 485 -21.26 -4.93 7.76
C ASP A 485 -21.75 -4.00 8.87
N PRO A 486 -21.17 -4.11 10.08
CA PRO A 486 -21.59 -3.27 11.19
C PRO A 486 -21.21 -1.80 11.17
N PHE A 487 -21.29 -1.17 10.00
CA PHE A 487 -20.99 0.24 9.89
C PHE A 487 -21.71 0.87 8.71
N ILE A 488 -22.09 2.13 8.87
CA ILE A 488 -22.82 2.88 7.84
C ILE A 488 -22.09 4.18 7.49
N ALA A 489 -22.07 4.50 6.20
CA ALA A 489 -21.41 5.73 5.75
C ALA A 489 -22.26 6.44 4.69
N ILE A 490 -22.39 7.76 4.86
CA ILE A 490 -23.17 8.58 3.93
C ILE A 490 -22.41 9.85 3.60
N HIS A 491 -22.54 10.35 2.38
CA HIS A 491 -21.83 11.56 2.00
C HIS A 491 -22.63 12.43 1.03
N ALA A 492 -22.05 13.58 0.70
CA ALA A 492 -22.69 14.56 -0.20
C ALA A 492 -23.14 13.94 -1.52
N GLU A 493 -22.35 13.04 -2.07
CA GLU A 493 -22.72 12.46 -3.37
C GLU A 493 -23.62 11.25 -3.24
N SER A 494 -23.97 10.86 -2.01
CA SER A 494 -24.87 9.71 -1.84
C SER A 494 -26.27 10.20 -1.44
N LYS A 495 -26.44 11.52 -1.42
CA LYS A 495 -27.72 12.12 -1.08
C LYS A 495 -28.68 12.02 -2.25
N LEU A 496 -29.95 11.74 -1.97
CA LEU A 496 -30.96 11.62 -3.02
C LEU A 496 -31.39 13.00 -3.51
#